data_5JFS
#
_entry.id   5JFS
#
_cell.length_a   125.220
_cell.length_b   125.220
_cell.length_c   46.510
_cell.angle_alpha   90.00
_cell.angle_beta   90.00
_cell.angle_gamma   120.00
#
_symmetry.space_group_name_H-M   'P 64'
#
loop_
_entity.id
_entity.type
_entity.pdbx_description
1 polymer 'High affinity nerve growth factor receptor'
2 non-polymer "N-{4-[4-amino-7-(propan-2-yl)-7H-pyrrolo[2,3-d]pyrimidine-5-carbonyl]pyridin-2-yl}-N'-(2,4-difluorophenyl)urea"
3 water water
#
_entity_poly.entity_id   1
_entity_poly.type   'polypeptide(L)'
_entity_poly.pdbx_seq_one_letter_code
;MHHHHHHLVPRGSVHHIKRRDIVLKWELGEGAFGKVFLAECHNLLPEQDKMLVAVKALKEASESARQDFQREAELLTMLQ
HQHIVRFFGVCTEGRPLLMVFEYMRHGDLNRFLRSHGPDAKLLAGGEDVAPGPLGLGQLLAVASQVAAGMVYLAGLHFVH
RDLATRNCLVGQGLVVKIGDFGMSRDIYSTDYYRVGGRTMLPIRWMPPESILYRKFTTESDVWSFGVVLWEIFTYGKQPW
YQLSNTEAIDCITQGRELERPRACPPEVYAIMRGCWQREPQQRHSIKDVHARLQALAQAPPVYLDVLG
;
_entity_poly.pdbx_strand_id   A
#
loop_
_chem_comp.id
_chem_comp.type
_chem_comp.name
_chem_comp.formula
6K0 non-polymer N-{4-[4-amino-7-(propan-2-yl)-7H-pyrrolo[2,3-d]pyrimidine-5-carbonyl]pyridin-2-yl}-N'-(2,4-difluorophenyl)urea 'C22 H19 F2 N7 O2'
#
# COMPACT_ATOMS: atom_id res chain seq x y z
N MET A 1 7.65 -0.22 18.06
CA MET A 1 7.51 -0.26 16.60
C MET A 1 6.04 -0.31 16.16
N HIS A 2 5.20 -1.09 16.87
CA HIS A 2 3.77 -1.27 16.57
C HIS A 2 2.88 -0.70 17.68
N HIS A 3 3.46 0.12 18.57
CA HIS A 3 2.77 0.76 19.71
C HIS A 3 1.56 1.60 19.30
N HIS A 4 1.63 2.26 18.12
CA HIS A 4 0.50 3.06 17.59
C HIS A 4 -0.73 2.21 17.25
N HIS A 5 -0.56 0.86 17.16
CA HIS A 5 -1.68 -0.05 16.91
C HIS A 5 -2.18 -0.75 18.21
N HIS A 6 -1.81 -0.26 19.41
CA HIS A 6 -2.23 -0.90 20.69
C HIS A 6 -3.74 -1.12 20.91
N HIS A 7 -4.58 -0.23 20.36
CA HIS A 7 -6.04 -0.30 20.49
C HIS A 7 -6.63 -1.47 19.70
N LEU A 8 -5.83 -2.03 18.75
CA LEU A 8 -6.25 -3.15 17.93
C LEU A 8 -5.95 -4.41 18.72
N VAL A 9 -6.98 -5.23 18.94
CA VAL A 9 -6.86 -6.44 19.76
C VAL A 9 -7.22 -7.67 18.93
N PRO A 10 -6.25 -8.63 18.79
CA PRO A 10 -6.54 -9.84 17.99
C PRO A 10 -7.58 -10.77 18.60
N ARG A 11 -8.45 -11.36 17.75
CA ARG A 11 -9.50 -12.31 18.14
C ARG A 11 -8.88 -13.71 18.37
N GLY A 12 -8.56 -14.40 17.25
CA GLY A 12 -8.00 -15.74 17.25
C GLY A 12 -6.48 -15.76 17.16
N SER A 13 -5.93 -16.92 16.82
CA SER A 13 -4.48 -17.07 16.75
C SER A 13 -3.93 -16.91 15.34
N VAL A 14 -2.63 -16.72 15.26
CA VAL A 14 -1.93 -16.61 13.96
C VAL A 14 -1.84 -18.02 13.39
N HIS A 15 -1.99 -18.16 12.06
CA HIS A 15 -1.89 -19.47 11.42
C HIS A 15 -0.42 -19.88 11.36
N HIS A 16 -0.12 -21.14 11.70
CA HIS A 16 1.25 -21.66 11.65
C HIS A 16 1.40 -22.62 10.50
N ILE A 17 2.48 -22.46 9.75
CA ILE A 17 2.81 -23.27 8.58
C ILE A 17 4.08 -24.03 8.89
N LYS A 18 4.11 -25.33 8.54
CA LYS A 18 5.30 -26.15 8.77
C LYS A 18 6.40 -25.71 7.80
N ARG A 19 7.66 -25.70 8.24
CA ARG A 19 8.78 -25.30 7.36
C ARG A 19 8.86 -26.12 6.09
N ARG A 20 8.69 -27.46 6.20
CA ARG A 20 8.77 -28.37 5.05
C ARG A 20 7.61 -28.16 4.08
N ASP A 21 6.60 -27.35 4.44
CA ASP A 21 5.53 -27.06 3.49
C ASP A 21 5.85 -25.87 2.61
N ILE A 22 6.99 -25.18 2.87
CA ILE A 22 7.40 -24.02 2.08
C ILE A 22 8.62 -24.42 1.26
N VAL A 23 8.56 -24.20 -0.06
CA VAL A 23 9.67 -24.54 -0.95
C VAL A 23 10.10 -23.24 -1.65
N LEU A 24 11.27 -22.69 -1.25
CA LEU A 24 11.72 -21.41 -1.81
C LEU A 24 12.17 -21.52 -3.27
N LYS A 25 11.80 -20.52 -4.06
CA LYS A 25 12.16 -20.49 -5.48
C LYS A 25 13.29 -19.51 -5.77
N TRP A 26 13.05 -18.21 -5.62
CA TRP A 26 14.07 -17.19 -5.85
C TRP A 26 13.66 -15.92 -5.15
N GLU A 27 14.64 -15.04 -4.90
CA GLU A 27 14.42 -13.76 -4.23
C GLU A 27 13.63 -12.80 -5.14
N LEU A 28 12.59 -12.15 -4.57
CA LEU A 28 11.75 -11.17 -5.29
C LEU A 28 12.27 -9.75 -5.05
N GLY A 29 12.87 -9.55 -3.88
CA GLY A 29 13.47 -8.29 -3.44
C GLY A 29 13.86 -8.37 -1.98
N GLU A 30 14.27 -7.24 -1.39
CA GLU A 30 14.56 -7.21 0.04
C GLU A 30 14.06 -5.98 0.79
N GLY A 31 14.91 -4.98 0.94
CA GLY A 31 14.54 -3.77 1.67
C GLY A 31 14.62 -3.90 3.17
N ALA A 32 13.83 -3.08 3.86
CA ALA A 32 13.78 -2.89 5.32
C ALA A 32 13.75 -4.10 6.25
N PHE A 33 12.72 -4.97 6.16
CA PHE A 33 12.56 -6.07 7.11
C PHE A 33 12.93 -7.49 6.66
N GLY A 34 13.90 -7.57 5.76
CA GLY A 34 14.41 -8.84 5.26
C GLY A 34 14.13 -9.09 3.80
N LYS A 35 14.65 -10.21 3.32
CA LYS A 35 14.48 -10.64 1.95
C LYS A 35 13.08 -11.20 1.75
N VAL A 36 12.58 -11.07 0.55
CA VAL A 36 11.27 -11.61 0.18
C VAL A 36 11.53 -12.58 -0.96
N PHE A 37 11.01 -13.79 -0.81
CA PHE A 37 11.18 -14.86 -1.81
C PHE A 37 9.87 -15.28 -2.38
N LEU A 38 9.90 -15.71 -3.64
CA LEU A 38 8.78 -16.39 -4.27
C LEU A 38 8.96 -17.83 -3.77
N ALA A 39 7.87 -18.50 -3.42
CA ALA A 39 7.91 -19.88 -2.94
C ALA A 39 6.64 -20.63 -3.29
N GLU A 40 6.69 -21.95 -3.21
CA GLU A 40 5.52 -22.80 -3.34
C GLU A 40 5.13 -23.17 -1.91
N CYS A 41 3.84 -23.13 -1.59
CA CYS A 41 3.38 -23.52 -0.25
C CYS A 41 2.39 -24.67 -0.37
N HIS A 42 2.66 -25.76 0.36
CA HIS A 42 1.85 -26.97 0.37
C HIS A 42 0.92 -26.99 1.57
N ASN A 43 -0.24 -27.65 1.42
CA ASN A 43 -1.26 -27.91 2.46
C ASN A 43 -1.86 -26.67 3.11
N LEU A 44 -1.86 -25.54 2.38
CA LEU A 44 -2.38 -24.29 2.89
C LEU A 44 -3.90 -24.21 2.64
N LEU A 45 -4.31 -24.45 1.38
CA LEU A 45 -5.72 -24.43 0.98
C LEU A 45 -6.17 -25.84 0.62
N PRO A 46 -7.34 -26.32 1.14
CA PRO A 46 -7.75 -27.72 0.90
C PRO A 46 -7.98 -28.12 -0.56
N GLU A 47 -8.24 -27.13 -1.43
CA GLU A 47 -8.52 -27.30 -2.85
C GLU A 47 -7.28 -27.52 -3.72
N GLN A 48 -6.13 -26.90 -3.34
CA GLN A 48 -4.90 -26.97 -4.13
C GLN A 48 -3.72 -27.57 -3.38
N ASP A 49 -3.04 -28.54 -4.02
CA ASP A 49 -1.86 -29.25 -3.49
C ASP A 49 -0.77 -28.23 -3.15
N LYS A 50 -0.43 -27.36 -4.12
CA LYS A 50 0.55 -26.31 -3.98
C LYS A 50 0.12 -25.03 -4.67
N MET A 51 0.62 -23.92 -4.16
CA MET A 51 0.33 -22.59 -4.66
C MET A 51 1.51 -21.66 -4.45
N LEU A 52 1.56 -20.59 -5.23
CA LEU A 52 2.62 -19.59 -5.10
C LEU A 52 2.35 -18.63 -3.98
N VAL A 53 3.39 -18.33 -3.22
CA VAL A 53 3.35 -17.37 -2.12
C VAL A 53 4.59 -16.49 -2.10
N ALA A 54 4.52 -15.35 -1.41
CA ALA A 54 5.68 -14.49 -1.18
C ALA A 54 6.03 -14.70 0.29
N VAL A 55 7.30 -14.96 0.57
CA VAL A 55 7.75 -15.28 1.91
C VAL A 55 8.76 -14.24 2.36
N LYS A 56 8.50 -13.62 3.48
CA LYS A 56 9.44 -12.67 4.04
C LYS A 56 10.25 -13.40 5.10
N ALA A 57 11.57 -13.35 5.00
CA ALA A 57 12.45 -14.01 5.95
C ALA A 57 13.02 -12.94 6.89
N LEU A 58 12.74 -13.07 8.20
CA LEU A 58 13.24 -12.12 9.20
C LEU A 58 14.77 -12.24 9.36
N LYS A 59 15.49 -11.11 9.29
CA LYS A 59 16.95 -11.09 9.41
C LYS A 59 17.48 -11.25 10.84
N GLU A 60 16.91 -10.53 11.81
CA GLU A 60 17.34 -10.53 13.21
C GLU A 60 16.97 -11.82 14.00
N ALA A 61 17.50 -11.96 15.24
CA ALA A 61 17.30 -13.13 16.10
C ALA A 61 16.19 -13.04 17.19
N SER A 62 16.15 -12.04 18.12
CA SER A 62 17.04 -10.88 18.34
C SER A 62 17.34 -10.56 19.83
N GLU A 63 16.39 -10.68 20.80
CA GLU A 63 14.99 -11.14 20.71
C GLU A 63 13.93 -10.02 20.83
N SER A 64 14.31 -8.79 20.44
CA SER A 64 13.43 -7.62 20.41
C SER A 64 12.62 -7.66 19.11
N ALA A 65 13.26 -8.13 18.00
CA ALA A 65 12.62 -8.27 16.68
C ALA A 65 11.67 -9.47 16.67
N ARG A 66 11.89 -10.47 17.55
CA ARG A 66 11.04 -11.66 17.70
C ARG A 66 9.70 -11.27 18.32
N GLN A 67 9.74 -10.37 19.32
CA GLN A 67 8.53 -9.86 20.00
C GLN A 67 7.75 -8.99 19.01
N ASP A 68 8.47 -8.17 18.21
CA ASP A 68 7.87 -7.34 17.19
C ASP A 68 7.25 -8.19 16.08
N PHE A 69 7.93 -9.31 15.73
CA PHE A 69 7.45 -10.25 14.69
C PHE A 69 6.10 -10.85 15.11
N GLN A 70 5.96 -11.28 16.38
CA GLN A 70 4.72 -11.86 16.88
C GLN A 70 3.58 -10.85 16.83
N ARG A 71 3.85 -9.59 17.25
CA ARG A 71 2.82 -8.54 17.22
C ARG A 71 2.44 -8.20 15.79
N GLU A 72 3.42 -8.11 14.89
CA GLU A 72 3.17 -7.82 13.47
C GLU A 72 2.26 -8.92 12.90
N ALA A 73 2.60 -10.19 13.17
CA ALA A 73 1.80 -11.33 12.67
C ALA A 73 0.37 -11.26 13.22
N GLU A 74 0.20 -10.90 14.50
CA GLU A 74 -1.14 -10.77 15.08
C GLU A 74 -1.98 -9.70 14.36
N LEU A 75 -1.34 -8.57 14.03
CA LEU A 75 -1.99 -7.47 13.33
C LEU A 75 -2.32 -7.81 11.88
N LEU A 76 -1.38 -8.45 11.17
CA LEU A 76 -1.63 -8.84 9.79
C LEU A 76 -2.75 -9.85 9.67
N THR A 77 -2.91 -10.77 10.66
CA THR A 77 -3.99 -11.76 10.57
C THR A 77 -5.36 -11.12 10.69
N MET A 78 -5.42 -9.96 11.39
CA MET A 78 -6.62 -9.16 11.60
C MET A 78 -7.09 -8.47 10.31
N LEU A 79 -6.17 -8.19 9.38
CA LEU A 79 -6.46 -7.48 8.13
C LEU A 79 -6.98 -8.42 7.06
N GLN A 80 -8.29 -8.40 6.80
CA GLN A 80 -8.86 -9.29 5.81
C GLN A 80 -9.78 -8.48 4.94
N HIS A 81 -9.33 -8.18 3.72
CA HIS A 81 -10.11 -7.37 2.77
C HIS A 81 -9.61 -7.67 1.38
N GLN A 82 -10.52 -7.57 0.41
CA GLN A 82 -10.22 -7.80 -1.00
C GLN A 82 -9.06 -6.92 -1.51
N HIS A 83 -8.85 -5.75 -0.90
CA HIS A 83 -7.82 -4.82 -1.38
C HIS A 83 -6.68 -4.57 -0.38
N ILE A 84 -6.46 -5.55 0.50
CA ILE A 84 -5.33 -5.57 1.44
C ILE A 84 -4.60 -6.88 1.16
N VAL A 85 -3.24 -6.83 1.07
CA VAL A 85 -2.46 -8.05 0.83
C VAL A 85 -2.88 -9.15 1.81
N ARG A 86 -3.03 -10.38 1.29
CA ARG A 86 -3.52 -11.50 2.11
C ARG A 86 -2.37 -12.18 2.85
N PHE A 87 -2.48 -12.21 4.18
CA PHE A 87 -1.48 -12.84 5.05
C PHE A 87 -1.94 -14.25 5.38
N PHE A 88 -1.08 -15.24 5.07
CA PHE A 88 -1.36 -16.66 5.31
C PHE A 88 -0.88 -17.21 6.65
N GLY A 89 0.13 -16.60 7.24
CA GLY A 89 0.63 -17.07 8.52
C GLY A 89 2.14 -17.00 8.62
N VAL A 90 2.65 -17.71 9.62
CA VAL A 90 4.08 -17.70 9.92
C VAL A 90 4.66 -19.11 9.98
N CYS A 91 5.98 -19.17 9.87
CA CYS A 91 6.71 -20.37 10.17
C CYS A 91 7.72 -19.97 11.22
N THR A 92 7.55 -20.51 12.43
CA THR A 92 8.33 -20.18 13.60
C THR A 92 9.25 -21.34 13.99
N GLU A 93 9.28 -22.41 13.18
CA GLU A 93 10.15 -23.55 13.47
C GLU A 93 11.53 -23.35 12.90
N GLY A 94 12.46 -22.99 13.80
CA GLY A 94 13.84 -22.72 13.45
C GLY A 94 14.11 -21.32 12.96
N ARG A 95 15.28 -21.10 12.36
CA ARG A 95 15.71 -19.79 11.84
C ARG A 95 15.99 -19.87 10.34
N PRO A 96 15.61 -18.83 9.55
CA PRO A 96 14.92 -17.60 9.96
C PRO A 96 13.41 -17.78 10.16
N LEU A 97 12.81 -16.83 10.85
CA LEU A 97 11.35 -16.80 11.04
C LEU A 97 10.79 -16.35 9.70
N LEU A 98 9.65 -16.91 9.30
CA LEU A 98 9.07 -16.58 8.01
C LEU A 98 7.64 -16.08 8.13
N MET A 99 7.28 -15.14 7.25
CA MET A 99 5.90 -14.64 7.10
C MET A 99 5.50 -14.95 5.69
N VAL A 100 4.27 -15.47 5.51
CA VAL A 100 3.80 -15.94 4.21
C VAL A 100 2.61 -15.11 3.74
N PHE A 101 2.68 -14.60 2.50
CA PHE A 101 1.61 -13.79 1.89
C PHE A 101 1.19 -14.39 0.58
N GLU A 102 -0.04 -14.08 0.15
CA GLU A 102 -0.51 -14.49 -1.17
C GLU A 102 0.35 -13.78 -2.25
N TYR A 103 0.89 -14.53 -3.24
CA TYR A 103 1.72 -13.92 -4.29
C TYR A 103 0.90 -13.10 -5.26
N MET A 104 1.41 -11.89 -5.59
CA MET A 104 0.75 -10.98 -6.52
C MET A 104 1.68 -10.87 -7.72
N ARG A 105 1.29 -11.55 -8.81
CA ARG A 105 2.15 -11.80 -9.98
C ARG A 105 2.75 -10.62 -10.72
N HIS A 106 2.07 -9.46 -10.69
CA HIS A 106 2.57 -8.31 -11.42
C HIS A 106 3.43 -7.35 -10.60
N GLY A 107 3.70 -7.73 -9.35
CA GLY A 107 4.59 -6.99 -8.44
C GLY A 107 4.09 -5.64 -7.97
N ASP A 108 5.03 -4.76 -7.58
CA ASP A 108 4.61 -3.46 -7.00
C ASP A 108 3.98 -2.50 -8.01
N LEU A 109 3.02 -1.70 -7.51
CA LEU A 109 2.26 -0.83 -8.36
C LEU A 109 3.10 0.31 -8.96
N ASN A 110 4.15 0.77 -8.27
CA ASN A 110 4.98 1.84 -8.84
C ASN A 110 5.67 1.36 -10.13
N ARG A 111 6.32 0.19 -10.06
CA ARG A 111 6.99 -0.42 -11.24
C ARG A 111 5.96 -0.71 -12.35
N PHE A 112 4.76 -1.16 -11.97
CA PHE A 112 3.66 -1.47 -12.89
C PHE A 112 3.23 -0.19 -13.67
N LEU A 113 3.01 0.93 -12.94
CA LEU A 113 2.64 2.20 -13.57
C LEU A 113 3.74 2.64 -14.54
N ARG A 114 5.00 2.63 -14.09
CA ARG A 114 6.16 3.06 -14.91
C ARG A 114 6.35 2.23 -16.19
N SER A 115 5.99 0.93 -16.15
CA SER A 115 6.10 0.00 -17.30
C SER A 115 4.84 -0.04 -18.19
N HIS A 116 3.75 0.63 -17.78
CA HIS A 116 2.49 0.72 -18.53
C HIS A 116 2.11 2.19 -18.78
N GLY A 117 3.14 3.02 -19.01
CA GLY A 117 2.98 4.45 -19.26
C GLY A 117 2.64 4.77 -20.71
N PRO A 118 2.45 6.07 -21.07
CA PRO A 118 2.10 6.41 -22.46
C PRO A 118 3.17 6.03 -23.49
N VAL A 129 -0.58 -10.16 -18.10
CA VAL A 129 -1.12 -8.82 -18.24
C VAL A 129 -1.15 -8.37 -19.71
N ALA A 130 -2.01 -7.39 -20.03
CA ALA A 130 -2.09 -6.82 -21.37
C ALA A 130 -1.05 -5.68 -21.44
N PRO A 131 0.04 -5.81 -22.23
CA PRO A 131 1.05 -4.73 -22.28
C PRO A 131 0.55 -3.50 -23.02
N GLY A 132 1.17 -2.35 -22.72
CA GLY A 132 0.81 -1.07 -23.32
C GLY A 132 0.39 -0.03 -22.29
N PRO A 133 0.02 1.20 -22.75
CA PRO A 133 -0.38 2.25 -21.79
C PRO A 133 -1.72 2.01 -21.12
N LEU A 134 -1.81 2.32 -19.82
CA LEU A 134 -3.07 2.22 -19.10
C LEU A 134 -3.96 3.39 -19.54
N GLY A 135 -5.20 3.09 -19.86
CA GLY A 135 -6.19 4.10 -20.23
C GLY A 135 -6.82 4.72 -19.00
N LEU A 136 -7.62 5.79 -19.20
CA LEU A 136 -8.28 6.49 -18.09
C LEU A 136 -9.11 5.56 -17.19
N GLY A 137 -9.92 4.69 -17.80
CA GLY A 137 -10.72 3.72 -17.05
C GLY A 137 -9.89 2.84 -16.12
N GLN A 138 -8.75 2.37 -16.62
CA GLN A 138 -7.85 1.52 -15.85
C GLN A 138 -7.19 2.30 -14.70
N LEU A 139 -6.78 3.55 -14.94
CA LEU A 139 -6.17 4.36 -13.88
C LEU A 139 -7.20 4.60 -12.76
N LEU A 140 -8.47 4.87 -13.14
CA LEU A 140 -9.57 5.06 -12.17
C LEU A 140 -9.85 3.78 -11.40
N ALA A 141 -9.76 2.60 -12.10
CA ALA A 141 -9.98 1.31 -11.43
C ALA A 141 -8.87 1.06 -10.40
N VAL A 142 -7.61 1.38 -10.74
CA VAL A 142 -6.49 1.24 -9.79
C VAL A 142 -6.75 2.13 -8.56
N ALA A 143 -7.06 3.39 -8.82
CA ALA A 143 -7.32 4.38 -7.75
C ALA A 143 -8.48 3.95 -6.85
N SER A 144 -9.61 3.47 -7.45
CA SER A 144 -10.77 3.03 -6.69
C SER A 144 -10.41 1.86 -5.78
N GLN A 145 -9.59 0.94 -6.27
CA GLN A 145 -9.19 -0.22 -5.47
C GLN A 145 -8.33 0.18 -4.27
N VAL A 146 -7.36 1.09 -4.47
CA VAL A 146 -6.51 1.53 -3.36
C VAL A 146 -7.43 2.27 -2.36
N ALA A 147 -8.36 3.10 -2.87
CA ALA A 147 -9.27 3.82 -1.96
C ALA A 147 -10.13 2.82 -1.14
N ALA A 148 -10.60 1.72 -1.78
CA ALA A 148 -11.41 0.71 -1.08
C ALA A 148 -10.61 0.08 0.09
N GLY A 149 -9.31 -0.19 -0.15
CA GLY A 149 -8.46 -0.73 0.91
C GLY A 149 -8.34 0.26 2.05
N MET A 150 -8.18 1.56 1.72
N MET A 150 -8.19 1.55 1.74
CA MET A 150 -8.03 2.62 2.72
CA MET A 150 -8.05 2.55 2.78
C MET A 150 -9.34 2.87 3.51
C MET A 150 -9.34 2.75 3.57
N VAL A 151 -10.52 2.60 2.90
CA VAL A 151 -11.82 2.70 3.60
C VAL A 151 -11.83 1.58 4.66
N TYR A 152 -11.35 0.38 4.28
CA TYR A 152 -11.29 -0.75 5.20
C TYR A 152 -10.35 -0.44 6.39
N LEU A 153 -9.13 0.07 6.13
CA LEU A 153 -8.21 0.38 7.21
C LEU A 153 -8.75 1.46 8.14
N ALA A 154 -9.39 2.49 7.58
CA ALA A 154 -9.96 3.55 8.39
C ALA A 154 -11.06 3.01 9.30
N GLY A 155 -11.85 2.06 8.80
CA GLY A 155 -12.93 1.44 9.57
C GLY A 155 -12.43 0.65 10.77
N LEU A 156 -11.19 0.15 10.68
CA LEU A 156 -10.51 -0.62 11.70
C LEU A 156 -9.72 0.27 12.62
N HIS A 157 -9.60 1.58 12.31
CA HIS A 157 -8.77 2.54 13.05
C HIS A 157 -7.29 2.10 12.90
N PHE A 158 -6.93 1.54 11.73
CA PHE A 158 -5.56 1.14 11.42
C PHE A 158 -4.94 2.30 10.59
N VAL A 159 -3.92 2.97 11.13
CA VAL A 159 -3.24 4.07 10.41
C VAL A 159 -2.04 3.42 9.72
N HIS A 160 -2.00 3.51 8.38
CA HIS A 160 -0.97 2.83 7.60
C HIS A 160 0.42 3.49 7.75
N ARG A 161 0.47 4.83 7.58
CA ARG A 161 1.65 5.71 7.72
C ARG A 161 2.60 5.72 6.55
N ASP A 162 2.47 4.78 5.59
CA ASP A 162 3.38 4.81 4.42
C ASP A 162 2.65 4.43 3.15
N LEU A 163 1.47 5.03 2.93
CA LEU A 163 0.77 4.71 1.69
C LEU A 163 1.50 5.38 0.52
N ALA A 164 1.83 4.56 -0.48
CA ALA A 164 2.54 4.97 -1.70
C ALA A 164 2.39 3.85 -2.69
N THR A 165 2.51 4.15 -4.01
CA THR A 165 2.32 3.06 -4.99
C THR A 165 3.35 1.96 -4.84
N ARG A 166 4.56 2.30 -4.34
CA ARG A 166 5.60 1.27 -4.14
C ARG A 166 5.15 0.22 -3.10
N ASN A 167 4.18 0.58 -2.23
CA ASN A 167 3.63 -0.31 -1.22
C ASN A 167 2.33 -1.01 -1.64
N CYS A 168 1.94 -0.90 -2.91
CA CYS A 168 0.76 -1.61 -3.41
C CYS A 168 1.23 -2.68 -4.36
N LEU A 169 0.42 -3.72 -4.52
CA LEU A 169 0.75 -4.84 -5.42
C LEU A 169 -0.32 -5.01 -6.46
N VAL A 170 0.06 -5.55 -7.60
CA VAL A 170 -0.86 -5.81 -8.72
C VAL A 170 -0.87 -7.31 -8.98
N GLY A 171 -2.07 -7.88 -9.03
CA GLY A 171 -2.26 -9.30 -9.31
C GLY A 171 -3.01 -9.55 -10.60
N GLN A 172 -3.35 -10.83 -10.83
CA GLN A 172 -4.08 -11.24 -12.04
C GLN A 172 -5.36 -10.42 -12.23
N GLY A 173 -5.58 -9.95 -13.47
CA GLY A 173 -6.74 -9.16 -13.83
C GLY A 173 -6.74 -7.74 -13.29
N LEU A 174 -5.54 -7.21 -12.97
CA LEU A 174 -5.37 -5.84 -12.46
C LEU A 174 -6.01 -5.64 -11.08
N VAL A 175 -6.00 -6.69 -10.23
CA VAL A 175 -6.48 -6.57 -8.86
C VAL A 175 -5.33 -5.87 -8.11
N VAL A 176 -5.64 -4.81 -7.37
CA VAL A 176 -4.63 -4.04 -6.63
C VAL A 176 -4.87 -4.21 -5.15
N LYS A 177 -3.79 -4.44 -4.38
CA LYS A 177 -3.90 -4.62 -2.93
C LYS A 177 -2.85 -3.80 -2.23
N ILE A 178 -3.17 -3.30 -1.04
CA ILE A 178 -2.23 -2.50 -0.25
C ILE A 178 -1.43 -3.38 0.65
N GLY A 179 -0.12 -3.10 0.71
CA GLY A 179 0.77 -3.75 1.65
C GLY A 179 1.68 -2.71 2.27
N ASP A 180 2.80 -3.14 2.85
CA ASP A 180 3.79 -2.22 3.42
C ASP A 180 5.09 -3.01 3.44
N PHE A 181 6.01 -2.64 2.55
CA PHE A 181 7.26 -3.38 2.31
C PHE A 181 8.53 -2.71 2.85
N GLY A 182 8.36 -1.58 3.52
CA GLY A 182 9.46 -0.85 4.16
C GLY A 182 9.91 0.41 3.46
N LEU A 201 12.12 8.52 6.43
CA LEU A 201 10.71 8.89 6.39
C LEU A 201 10.23 9.17 4.96
N PRO A 202 8.98 8.77 4.63
CA PRO A 202 8.47 9.00 3.26
C PRO A 202 7.91 10.41 3.15
N ILE A 203 8.80 11.40 3.38
CA ILE A 203 8.43 12.81 3.46
C ILE A 203 7.60 13.31 2.32
N ARG A 204 7.91 12.89 1.08
CA ARG A 204 7.19 13.43 -0.07
C ARG A 204 5.69 13.07 -0.09
N TRP A 205 5.26 12.03 0.64
CA TRP A 205 3.87 11.60 0.72
C TRP A 205 3.16 12.12 1.95
N MET A 206 3.93 12.82 2.84
CA MET A 206 3.37 13.23 4.13
C MET A 206 2.80 14.64 4.15
N PRO A 207 1.76 14.86 4.98
CA PRO A 207 1.26 16.23 5.19
C PRO A 207 2.13 16.97 6.21
N PRO A 208 1.95 18.30 6.31
CA PRO A 208 2.78 19.10 7.22
C PRO A 208 2.75 18.61 8.66
N GLU A 209 1.56 18.19 9.20
CA GLU A 209 1.54 17.79 10.61
C GLU A 209 2.33 16.50 10.88
N SER A 210 2.47 15.63 9.87
CA SER A 210 3.23 14.40 10.03
C SER A 210 4.72 14.74 9.97
N ILE A 211 5.13 15.64 9.06
CA ILE A 211 6.55 15.99 8.94
C ILE A 211 7.02 16.75 10.21
N LEU A 212 6.21 17.70 10.63
CA LEU A 212 6.59 18.60 11.74
C LEU A 212 6.34 18.07 13.13
N TYR A 213 5.22 17.37 13.33
CA TYR A 213 4.77 16.93 14.65
C TYR A 213 4.63 15.43 14.82
N ARG A 214 4.99 14.63 13.78
CA ARG A 214 4.89 13.17 13.80
C ARG A 214 3.45 12.72 14.17
N LYS A 215 2.44 13.47 13.67
CA LYS A 215 1.05 13.15 13.91
C LYS A 215 0.61 12.32 12.71
N PHE A 216 0.36 11.02 12.94
CA PHE A 216 -0.09 10.09 11.90
C PHE A 216 -1.48 9.63 12.28
N THR A 217 -2.44 9.92 11.41
CA THR A 217 -3.85 9.69 11.67
C THR A 217 -4.55 9.21 10.38
N THR A 218 -5.86 8.93 10.48
CA THR A 218 -6.68 8.62 9.29
C THR A 218 -6.56 9.81 8.29
N GLU A 219 -6.47 11.05 8.81
CA GLU A 219 -6.38 12.25 7.97
C GLU A 219 -5.00 12.40 7.28
N SER A 220 -3.90 11.95 7.92
CA SER A 220 -2.63 11.98 7.18
C SER A 220 -2.62 10.87 6.14
N ASP A 221 -3.33 9.74 6.42
CA ASP A 221 -3.44 8.70 5.40
C ASP A 221 -4.22 9.21 4.18
N VAL A 222 -5.29 10.01 4.39
CA VAL A 222 -6.03 10.52 3.23
C VAL A 222 -5.18 11.48 2.39
N TRP A 223 -4.33 12.29 3.06
CA TRP A 223 -3.40 13.16 2.32
C TRP A 223 -2.47 12.26 1.46
N SER A 224 -1.90 11.20 2.07
CA SER A 224 -1.03 10.29 1.31
C SER A 224 -1.81 9.63 0.15
N PHE A 225 -3.11 9.33 0.35
CA PHE A 225 -3.91 8.80 -0.75
C PHE A 225 -3.97 9.82 -1.92
N GLY A 226 -4.13 11.11 -1.60
CA GLY A 226 -4.12 12.14 -2.65
C GLY A 226 -2.81 12.09 -3.42
N VAL A 227 -1.66 11.91 -2.71
CA VAL A 227 -0.38 11.79 -3.40
C VAL A 227 -0.34 10.50 -4.23
N VAL A 228 -0.91 9.38 -3.73
CA VAL A 228 -0.97 8.14 -4.52
C VAL A 228 -1.80 8.42 -5.81
N LEU A 229 -2.91 9.17 -5.68
CA LEU A 229 -3.73 9.48 -6.86
C LEU A 229 -2.86 10.26 -7.91
N TRP A 230 -2.02 11.20 -7.42
CA TRP A 230 -1.08 11.95 -8.25
C TRP A 230 -0.07 10.99 -8.89
N GLU A 231 0.50 10.04 -8.11
CA GLU A 231 1.42 9.04 -8.67
C GLU A 231 0.74 8.24 -9.80
N ILE A 232 -0.52 7.79 -9.58
CA ILE A 232 -1.24 7.00 -10.58
C ILE A 232 -1.37 7.80 -11.87
N PHE A 233 -1.80 9.07 -11.75
CA PHE A 233 -2.04 9.94 -12.91
C PHE A 233 -0.79 10.52 -13.57
N THR A 234 0.39 10.27 -12.98
CA THR A 234 1.66 10.65 -13.60
C THR A 234 2.41 9.38 -14.02
N TYR A 235 1.75 8.21 -13.93
CA TYR A 235 2.34 6.91 -14.28
C TYR A 235 3.58 6.59 -13.43
N GLY A 236 3.51 6.91 -12.14
CA GLY A 236 4.52 6.54 -11.15
C GLY A 236 5.68 7.48 -10.93
N LYS A 237 5.58 8.73 -11.40
CA LYS A 237 6.61 9.74 -11.15
C LYS A 237 6.74 10.02 -9.65
N GLN A 238 7.94 10.38 -9.18
CA GLN A 238 8.12 10.69 -7.78
C GLN A 238 7.45 12.04 -7.42
N PRO A 239 6.68 12.14 -6.34
CA PRO A 239 6.11 13.47 -5.95
C PRO A 239 7.25 14.46 -5.68
N TRP A 240 7.08 15.71 -6.15
CA TRP A 240 8.11 16.75 -5.98
C TRP A 240 9.43 16.37 -6.62
N TYR A 241 9.34 15.63 -7.76
CA TYR A 241 10.54 15.14 -8.46
C TYR A 241 11.53 16.26 -8.85
N GLN A 242 11.02 17.48 -9.02
CA GLN A 242 11.88 18.60 -9.40
C GLN A 242 12.70 19.16 -8.21
N LEU A 243 12.45 18.65 -6.98
CA LEU A 243 13.07 19.18 -5.77
C LEU A 243 13.93 18.18 -5.02
N SER A 244 14.95 18.69 -4.29
CA SER A 244 15.77 17.86 -3.41
C SER A 244 14.90 17.49 -2.20
N ASN A 245 15.39 16.57 -1.34
CA ASN A 245 14.64 16.15 -0.15
C ASN A 245 14.37 17.37 0.78
N THR A 246 15.37 18.22 0.93
CA THR A 246 15.29 19.42 1.77
C THR A 246 14.29 20.41 1.18
N GLU A 247 14.38 20.65 -0.14
CA GLU A 247 13.46 21.56 -0.82
C GLU A 247 12.00 21.05 -0.71
N ALA A 248 11.80 19.73 -0.83
CA ALA A 248 10.45 19.15 -0.71
C ALA A 248 9.89 19.32 0.70
N ILE A 249 10.71 19.13 1.77
CA ILE A 249 10.26 19.34 3.16
C ILE A 249 9.78 20.79 3.30
N ASP A 250 10.60 21.74 2.83
CA ASP A 250 10.22 23.15 2.92
C ASP A 250 8.93 23.47 2.16
N CYS A 251 8.77 22.96 0.91
N CYS A 251 8.82 22.93 0.96
CA CYS A 251 7.57 23.20 0.11
CA CYS A 251 7.70 23.08 0.05
C CYS A 251 6.30 22.67 0.78
C CYS A 251 6.36 22.61 0.69
N ILE A 252 6.37 21.43 1.33
CA ILE A 252 5.20 20.86 2.01
C ILE A 252 4.86 21.68 3.25
N THR A 253 5.86 22.05 4.04
CA THR A 253 5.64 22.84 5.25
C THR A 253 5.05 24.22 4.88
N GLN A 254 5.45 24.79 3.73
CA GLN A 254 4.93 26.11 3.30
C GLN A 254 3.55 26.06 2.69
N GLY A 255 3.12 24.88 2.27
CA GLY A 255 1.80 24.68 1.70
C GLY A 255 1.67 24.67 0.19
N ARG A 256 2.77 24.47 -0.55
CA ARG A 256 2.68 24.41 -2.02
C ARG A 256 2.04 23.07 -2.43
N GLU A 257 1.16 23.10 -3.42
CA GLU A 257 0.45 21.90 -3.88
C GLU A 257 1.06 21.33 -5.14
N LEU A 258 1.03 19.98 -5.26
CA LEU A 258 1.48 19.28 -6.46
C LEU A 258 0.61 19.73 -7.64
N GLU A 259 1.24 19.89 -8.81
CA GLU A 259 0.53 20.33 -10.01
C GLU A 259 -0.37 19.25 -10.56
N ARG A 260 -1.42 19.67 -11.29
CA ARG A 260 -2.31 18.70 -11.92
C ARG A 260 -1.58 17.93 -13.04
N PRO A 261 -1.54 16.59 -12.96
CA PRO A 261 -0.92 15.83 -14.05
C PRO A 261 -1.64 16.02 -15.40
N ARG A 262 -0.89 15.91 -16.49
CA ARG A 262 -1.46 16.03 -17.84
C ARG A 262 -2.62 15.01 -18.11
N ALA A 263 -2.48 13.77 -17.61
CA ALA A 263 -3.49 12.70 -17.81
C ALA A 263 -4.69 12.76 -16.85
N CYS A 264 -4.65 13.72 -15.91
CA CYS A 264 -5.64 13.88 -14.86
C CYS A 264 -6.84 14.74 -15.27
N PRO A 265 -8.07 14.18 -15.34
CA PRO A 265 -9.24 15.03 -15.65
C PRO A 265 -9.51 16.03 -14.49
N PRO A 266 -10.24 17.13 -14.73
CA PRO A 266 -10.52 18.08 -13.62
C PRO A 266 -11.23 17.43 -12.43
N GLU A 267 -12.15 16.47 -12.70
CA GLU A 267 -12.88 15.76 -11.62
C GLU A 267 -11.94 15.06 -10.66
N VAL A 268 -10.85 14.48 -11.20
CA VAL A 268 -9.88 13.74 -10.39
C VAL A 268 -8.94 14.71 -9.63
N TYR A 269 -8.55 15.83 -10.26
CA TYR A 269 -7.71 16.79 -9.56
C TYR A 269 -8.46 17.40 -8.37
N ALA A 270 -9.79 17.55 -8.48
CA ALA A 270 -10.61 18.07 -7.37
C ALA A 270 -10.51 17.08 -6.18
N ILE A 271 -10.46 15.76 -6.48
CA ILE A 271 -10.33 14.75 -5.39
C ILE A 271 -8.96 14.96 -4.71
N MET A 272 -7.88 15.08 -5.51
CA MET A 272 -6.54 15.33 -4.95
C MET A 272 -6.55 16.57 -4.03
N ARG A 273 -7.11 17.68 -4.52
CA ARG A 273 -7.19 18.89 -3.73
C ARG A 273 -7.97 18.71 -2.43
N GLY A 274 -9.02 17.89 -2.45
CA GLY A 274 -9.81 17.59 -1.25
C GLY A 274 -8.98 16.86 -0.20
N CYS A 275 -8.09 15.98 -0.65
CA CYS A 275 -7.20 15.19 0.23
C CYS A 275 -6.10 16.09 0.82
N TRP A 276 -5.77 17.18 0.13
CA TRP A 276 -4.64 18.07 0.47
C TRP A 276 -5.00 19.33 1.21
N GLN A 277 -6.16 19.37 1.84
CA GLN A 277 -6.50 20.54 2.65
C GLN A 277 -5.47 20.65 3.80
N ARG A 278 -4.92 21.86 4.05
CA ARG A 278 -3.91 22.01 5.10
C ARG A 278 -4.41 21.54 6.47
N GLU A 279 -5.65 21.92 6.85
CA GLU A 279 -6.25 21.52 8.12
C GLU A 279 -6.73 20.06 8.02
N PRO A 280 -6.19 19.14 8.86
CA PRO A 280 -6.60 17.73 8.76
C PRO A 280 -8.11 17.52 8.79
N GLN A 281 -8.84 18.29 9.63
CA GLN A 281 -10.29 18.13 9.77
C GLN A 281 -11.09 18.60 8.55
N GLN A 282 -10.46 19.33 7.63
CA GLN A 282 -11.10 19.82 6.41
C GLN A 282 -10.89 18.83 5.26
N ARG A 283 -10.01 17.83 5.41
CA ARG A 283 -9.78 16.90 4.31
C ARG A 283 -11.00 16.02 4.08
N HIS A 284 -11.25 15.66 2.81
CA HIS A 284 -12.33 14.76 2.47
C HIS A 284 -12.18 13.44 3.18
N SER A 285 -13.29 12.78 3.48
CA SER A 285 -13.21 11.47 4.11
C SER A 285 -12.88 10.43 3.05
N ILE A 286 -12.11 9.41 3.41
CA ILE A 286 -11.78 8.34 2.46
C ILE A 286 -13.05 7.65 1.89
N LYS A 287 -14.14 7.52 2.69
CA LYS A 287 -15.37 6.91 2.17
C LYS A 287 -15.93 7.73 0.98
N ASP A 288 -15.89 9.07 1.08
CA ASP A 288 -16.39 9.92 0.00
C ASP A 288 -15.43 9.90 -1.20
N VAL A 289 -14.12 9.86 -0.91
CA VAL A 289 -13.14 9.80 -1.98
C VAL A 289 -13.36 8.50 -2.78
N HIS A 290 -13.51 7.38 -2.07
CA HIS A 290 -13.76 6.09 -2.70
C HIS A 290 -15.05 6.13 -3.53
N ALA A 291 -16.16 6.65 -2.95
CA ALA A 291 -17.44 6.70 -3.66
C ALA A 291 -17.32 7.55 -4.94
N ARG A 292 -16.57 8.67 -4.88
CA ARG A 292 -16.39 9.54 -6.04
C ARG A 292 -15.60 8.77 -7.12
N LEU A 293 -14.55 8.04 -6.71
CA LEU A 293 -13.73 7.27 -7.66
C LEU A 293 -14.54 6.13 -8.28
N GLN A 294 -15.45 5.53 -7.49
CA GLN A 294 -16.35 4.46 -7.99
C GLN A 294 -17.22 4.99 -9.10
N ALA A 295 -17.83 6.17 -8.90
CA ALA A 295 -18.68 6.82 -9.88
C ALA A 295 -17.88 7.11 -11.15
N LEU A 296 -16.65 7.66 -10.98
CA LEU A 296 -15.83 7.97 -12.14
C LEU A 296 -15.33 6.69 -12.82
N ALA A 297 -14.97 5.62 -12.07
CA ALA A 297 -14.45 4.37 -12.66
C ALA A 297 -15.53 3.65 -13.48
N GLN A 298 -16.79 3.67 -12.98
CA GLN A 298 -17.91 3.03 -13.67
C GLN A 298 -18.40 3.87 -14.85
N ALA A 299 -18.04 5.20 -14.88
CA ALA A 299 -18.33 6.12 -16.00
C ALA A 299 -17.36 5.70 -17.16
N PRO A 300 -16.13 6.25 -17.45
CA PRO A 300 -15.35 7.39 -16.90
C PRO A 300 -15.62 8.74 -17.59
N PRO A 301 -15.07 9.91 -17.11
CA PRO A 301 -15.32 11.17 -17.84
C PRO A 301 -14.67 11.17 -19.22
N VAL A 302 -15.25 11.91 -20.18
CA VAL A 302 -14.69 12.03 -21.52
C VAL A 302 -13.65 13.15 -21.44
N TYR A 303 -12.39 12.74 -21.26
CA TYR A 303 -11.26 13.62 -21.10
C TYR A 303 -10.11 13.16 -21.96
N LEU A 304 -9.50 14.12 -22.66
CA LEU A 304 -8.35 13.88 -23.53
C LEU A 304 -7.35 15.02 -23.35
N ASP A 305 -6.13 14.68 -22.90
CA ASP A 305 -5.01 15.59 -22.69
C ASP A 305 -4.56 16.20 -24.04
C5 6K0 B . 6.26 -8.15 -1.33
C6 6K0 B . 5.13 -8.99 -1.02
C7 6K0 B . 4.44 -8.98 0.25
C10 6K0 B . 6.50 -8.42 1.70
N12 6K0 B . 6.16 -7.57 3.92
C13 6K0 B . 4.87 -7.51 3.65
C15 6K0 B . 2.95 -6.27 4.62
C20 6K0 B . -0.97 -4.33 4.90
C21 6K0 B . -0.93 -3.25 5.79
C24 6K0 B . 1.25 -3.87 6.59
C26 6K0 B . 4.33 -8.13 2.54
C28 6K0 B . 3.66 -10.35 -2.78
C1 6K0 B . 7.28 -6.19 -3.74
C2 6K0 B . 7.68 -7.62 -3.38
C3 6K0 B . 9.07 -7.86 -2.79
N4 6K0 B . 6.56 -8.25 -2.62
O8 6K0 B . 3.25 -9.26 0.28
C9 6K0 B . 5.10 -8.53 1.45
C11 6K0 B . 6.99 -8.01 2.94
N14 6K0 B . 4.16 -6.87 4.66
O16 6K0 B . 2.47 -6.07 3.47
N17 6K0 B . 2.43 -5.72 5.74
C18 6K0 B . 1.22 -4.97 5.72
C19 6K0 B . 0.13 -5.21 4.89
F22 6K0 B . -2.00 -2.38 5.79
C23 6K0 B . 0.13 -2.98 6.61
F25 6K0 B . 2.30 -3.61 7.38
C27 6K0 B . 4.71 -9.51 -2.32
N29 6K0 B . 2.68 -10.79 -1.90
N30 6K0 B . 3.66 -10.68 -4.11
C31 6K0 B . 4.59 -10.23 -4.96
N32 6K0 B . 5.60 -9.42 -4.54
C33 6K0 B . 5.68 -9.04 -3.27
#